data_3AFB
#
_entry.id   3AFB
#
_cell.length_a   89.912
_cell.length_b   91.997
_cell.length_c   107.402
_cell.angle_alpha   90.00
_cell.angle_beta   90.00
_cell.angle_gamma   90.00
#
_symmetry.space_group_name_H-M   'P 21 21 21'
#
loop_
_entity.id
_entity.type
_entity.pdbx_description
1 polymer 'Putative chitinase'
2 non-polymer 'MAGNESIUM ION'
3 non-polymer GLYCEROL
4 non-polymer 'SULFATE ION'
5 water water
#
_entity_poly.entity_id   1
_entity_poly.type   'polypeptide(L)'
_entity_poly.pdbx_seq_one_letter_code
;GPNANPIPEHFFAPYIDMSLSVHKPLVEYAKLTGTKYFTLAFILYSSVYNGPAWAGSIPLEKFVDEVRELREIGGEVIIA
FGGAVGPYLCQQASTPEQLAEWYIKVIDTYNATYLDFAIEAGIDADKLADALLIVQRERPWVKFSFTLPSDPGIGLAGGY
GIIETMAKKGVRVDRVNPMTMDYYWTPSNAENAIKVAENVFRQLKQIYPEKSDEEIWKMIGLTPMIGVNDDKSVFTLEDA
QQLVDWAIQHKIGSLAFWSVDRDHPGPTGEVSPLHRGTNDPDWAFSHVFVKFMEAFGYTFSAQTSEASVPT
;
_entity_poly.pdbx_strand_id   A,B
#
loop_
_chem_comp.id
_chem_comp.type
_chem_comp.name
_chem_comp.formula
GOL non-polymer GLYCEROL 'C3 H8 O3'
MG non-polymer 'MAGNESIUM ION' 'Mg 2'
SO4 non-polymer 'SULFATE ION' 'O4 S -2'
#
# COMPACT_ATOMS: atom_id res chain seq x y z
N GLY A 1 -2.94 -34.68 -7.48
CA GLY A 1 -3.49 -35.25 -6.20
C GLY A 1 -4.89 -34.70 -5.92
N PRO A 2 -5.55 -35.19 -4.86
CA PRO A 2 -6.91 -34.74 -4.59
C PRO A 2 -7.07 -33.24 -4.26
N ASN A 3 -6.07 -32.64 -3.63
CA ASN A 3 -6.19 -31.25 -3.20
C ASN A 3 -4.99 -30.41 -3.58
N ALA A 4 -4.27 -30.88 -4.58
CA ALA A 4 -3.13 -30.15 -5.12
C ALA A 4 -2.87 -30.70 -6.51
N ASN A 5 -2.48 -29.82 -7.42
CA ASN A 5 -2.24 -30.18 -8.82
C ASN A 5 -0.78 -29.98 -9.22
N PRO A 6 -0.34 -30.68 -10.28
CA PRO A 6 1.04 -30.47 -10.75
C PRO A 6 1.22 -29.09 -11.41
N ILE A 7 2.36 -28.48 -11.11
CA ILE A 7 2.79 -27.28 -11.81
C ILE A 7 3.74 -27.72 -12.92
N PRO A 8 3.55 -27.21 -14.16
CA PRO A 8 4.41 -27.68 -15.24
C PRO A 8 5.90 -27.43 -14.99
N GLU A 9 6.72 -28.24 -15.65
CA GLU A 9 8.18 -28.16 -15.58
C GLU A 9 8.69 -26.77 -15.95
N HIS A 10 8.05 -26.15 -16.94
CA HIS A 10 8.34 -24.76 -17.35
C HIS A 10 7.06 -23.98 -17.14
N PHE A 11 7.01 -23.14 -16.09
CA PHE A 11 5.73 -22.54 -15.70
C PHE A 11 5.75 -21.03 -15.72
N PHE A 12 4.55 -20.46 -15.81
CA PHE A 12 4.35 -19.01 -15.72
C PHE A 12 3.30 -18.79 -14.64
N ALA A 13 3.72 -18.15 -13.55
CA ALA A 13 2.86 -17.96 -12.37
C ALA A 13 2.98 -16.52 -11.89
N PRO A 14 2.29 -15.60 -12.57
CA PRO A 14 2.44 -14.18 -12.25
C PRO A 14 1.88 -13.84 -10.85
N TYR A 15 2.38 -12.73 -10.31
CA TYR A 15 2.02 -12.27 -8.97
C TYR A 15 0.63 -11.64 -8.98
N ILE A 16 -0.17 -12.01 -7.99
CA ILE A 16 -1.44 -11.33 -7.71
C ILE A 16 -1.34 -10.72 -6.32
N ASP A 17 -1.56 -9.40 -6.24
CA ASP A 17 -1.62 -8.73 -4.94
C ASP A 17 -3.01 -9.02 -4.34
N MET A 18 -3.04 -9.95 -3.38
CA MET A 18 -4.29 -10.49 -2.87
C MET A 18 -5.09 -9.48 -2.06
N SER A 19 -4.42 -8.42 -1.63
CA SER A 19 -5.03 -7.42 -0.75
C SER A 19 -5.85 -6.35 -1.49
N LEU A 20 -5.77 -6.32 -2.81
CA LEU A 20 -6.47 -5.29 -3.58
C LEU A 20 -7.99 -5.44 -3.52
N SER A 21 -8.69 -4.33 -3.39
CA SER A 21 -10.14 -4.42 -3.34
C SER A 21 -10.74 -4.88 -4.68
N VAL A 22 -9.99 -4.70 -5.77
CA VAL A 22 -10.42 -5.14 -7.11
C VAL A 22 -10.29 -6.67 -7.32
N HIS A 23 -9.77 -7.36 -6.32
CA HIS A 23 -9.45 -8.80 -6.44
C HIS A 23 -10.61 -9.63 -7.02
N LYS A 24 -10.35 -10.30 -8.15
CA LYS A 24 -11.30 -11.25 -8.73
C LYS A 24 -11.02 -12.65 -8.19
N PRO A 25 -12.01 -13.57 -8.30
CA PRO A 25 -11.71 -14.98 -8.01
C PRO A 25 -10.55 -15.49 -8.85
N LEU A 26 -9.71 -16.33 -8.26
CA LEU A 26 -8.59 -16.91 -9.01
C LEU A 26 -9.02 -17.59 -10.31
N VAL A 27 -10.15 -18.30 -10.30
CA VAL A 27 -10.62 -18.94 -11.51
C VAL A 27 -10.93 -17.93 -12.62
N GLU A 28 -11.41 -16.74 -12.23
CA GLU A 28 -11.70 -15.70 -13.21
C GLU A 28 -10.39 -15.17 -13.82
N TYR A 29 -9.39 -14.95 -12.98
CA TYR A 29 -8.08 -14.55 -13.52
C TYR A 29 -7.53 -15.62 -14.45
N ALA A 30 -7.74 -16.89 -14.12
CA ALA A 30 -7.29 -17.97 -15.01
C ALA A 30 -7.91 -17.82 -16.40
N LYS A 31 -9.22 -17.61 -16.44
CA LYS A 31 -9.93 -17.42 -17.69
C LYS A 31 -9.41 -16.21 -18.48
N LEU A 32 -9.16 -15.11 -17.79
CA LEU A 32 -8.78 -13.85 -18.44
C LEU A 32 -7.31 -13.80 -18.88
N THR A 33 -6.43 -14.30 -18.01
CA THR A 33 -4.97 -14.28 -18.28
C THR A 33 -4.52 -15.44 -19.17
N GLY A 34 -5.25 -16.55 -19.11
CA GLY A 34 -4.82 -17.76 -19.80
C GLY A 34 -3.91 -18.68 -19.01
N THR A 35 -3.45 -18.24 -17.83
CA THR A 35 -2.65 -19.13 -16.97
C THR A 35 -3.48 -19.54 -15.75
N LYS A 36 -3.37 -20.80 -15.35
CA LYS A 36 -4.08 -21.26 -14.17
C LYS A 36 -3.11 -21.45 -12.99
N TYR A 37 -1.92 -20.85 -13.11
CA TYR A 37 -0.94 -20.82 -12.02
C TYR A 37 -0.65 -19.40 -11.62
N PHE A 38 -0.66 -19.13 -10.31
CA PHE A 38 -0.41 -17.78 -9.79
C PHE A 38 0.47 -17.82 -8.58
N THR A 39 1.21 -16.73 -8.38
CA THR A 39 1.95 -16.52 -7.13
C THR A 39 1.11 -15.55 -6.30
N LEU A 40 0.61 -16.02 -5.15
CA LEU A 40 -0.27 -15.20 -4.29
C LEU A 40 0.58 -14.36 -3.34
N ALA A 41 0.43 -13.04 -3.43
CA ALA A 41 1.28 -12.11 -2.66
C ALA A 41 0.50 -11.11 -1.76
N PHE A 42 1.04 -10.70 -0.61
CA PHE A 42 2.18 -11.31 0.10
C PHE A 42 1.73 -11.61 1.52
N ILE A 43 2.28 -12.67 2.10
CA ILE A 43 2.13 -12.92 3.53
C ILE A 43 3.18 -12.13 4.29
N LEU A 44 2.73 -11.39 5.31
CA LEU A 44 3.60 -10.63 6.21
C LEU A 44 3.18 -10.88 7.65
N TYR A 45 3.98 -10.38 8.59
CA TYR A 45 3.60 -10.46 10.00
C TYR A 45 2.52 -9.43 10.30
N SER A 46 1.42 -9.90 10.90
CA SER A 46 0.33 -9.06 11.39
C SER A 46 0.45 -8.93 12.91
N SER A 47 0.49 -7.70 13.43
CA SER A 47 0.59 -7.54 14.89
C SER A 47 -0.74 -7.91 15.53
N VAL A 48 -1.81 -7.55 14.83
CA VAL A 48 -3.20 -7.84 15.21
C VAL A 48 -3.42 -9.34 15.46
N TYR A 49 -2.99 -10.17 14.52
CA TYR A 49 -3.17 -11.62 14.69
C TYR A 49 -1.96 -12.31 15.29
N ASN A 50 -0.91 -11.55 15.57
CA ASN A 50 0.41 -12.10 15.97
C ASN A 50 0.85 -13.29 15.13
N GLY A 51 0.77 -13.13 13.82
CA GLY A 51 1.25 -14.16 12.95
C GLY A 51 0.96 -13.81 11.50
N PRO A 52 1.00 -14.81 10.63
CA PRO A 52 0.89 -14.58 9.19
C PRO A 52 -0.47 -14.07 8.75
N ALA A 53 -0.46 -13.08 7.84
CA ALA A 53 -1.70 -12.55 7.25
C ALA A 53 -1.34 -11.88 5.95
N TRP A 54 -2.31 -11.72 5.05
CA TRP A 54 -2.06 -11.01 3.79
C TRP A 54 -1.81 -9.53 4.05
N ALA A 55 -0.86 -8.97 3.31
CA ALA A 55 -0.28 -7.62 3.50
C ALA A 55 -0.07 -7.20 4.96
N GLY A 56 0.20 -8.19 5.80
CA GLY A 56 0.35 -7.96 7.24
C GLY A 56 -0.89 -7.63 8.05
N SER A 57 -2.08 -7.79 7.42
N SER A 57 -2.10 -7.85 7.53
CA SER A 57 -3.39 -7.42 8.05
CA SER A 57 -3.28 -8.01 8.44
C SER A 57 -4.69 -8.21 7.72
C SER A 57 -4.65 -8.28 7.79
N ILE A 58 -4.68 -8.98 6.64
CA ILE A 58 -5.93 -9.59 6.11
C ILE A 58 -5.93 -11.10 6.46
N PRO A 59 -7.07 -11.67 6.98
CA PRO A 59 -6.98 -13.05 7.54
C PRO A 59 -6.37 -14.07 6.60
N LEU A 60 -5.46 -14.87 7.14
CA LEU A 60 -4.70 -15.85 6.35
C LEU A 60 -5.61 -16.73 5.50
N GLU A 61 -6.72 -17.19 6.08
CA GLU A 61 -7.58 -18.20 5.45
C GLU A 61 -8.59 -17.63 4.43
N LYS A 62 -8.52 -16.33 4.17
CA LYS A 62 -9.55 -15.66 3.34
C LYS A 62 -9.71 -16.32 1.97
N PHE A 63 -8.60 -16.75 1.39
CA PHE A 63 -8.60 -17.20 -0.01
C PHE A 63 -8.59 -18.71 -0.21
N VAL A 64 -8.84 -19.46 0.86
CA VAL A 64 -8.85 -20.93 0.77
C VAL A 64 -9.84 -21.45 -0.28
N ASP A 65 -11.07 -20.93 -0.23
CA ASP A 65 -12.11 -21.33 -1.17
C ASP A 65 -11.73 -20.99 -2.62
N GLU A 66 -11.11 -19.83 -2.83
CA GLU A 66 -10.67 -19.45 -4.19
C GLU A 66 -9.62 -20.42 -4.71
N VAL A 67 -8.72 -20.86 -3.83
CA VAL A 67 -7.68 -21.82 -4.23
C VAL A 67 -8.32 -23.18 -4.53
N ARG A 68 -9.28 -23.61 -3.70
CA ARG A 68 -10.02 -24.84 -4.00
C ARG A 68 -10.69 -24.79 -5.38
N GLU A 69 -11.34 -23.68 -5.70
CA GLU A 69 -12.00 -23.53 -7.00
C GLU A 69 -11.00 -23.50 -8.17
N LEU A 70 -9.85 -22.87 -7.95
CA LEU A 70 -8.80 -22.90 -8.98
C LEU A 70 -8.32 -24.33 -9.21
N ARG A 71 -8.19 -25.10 -8.14
CA ARG A 71 -7.72 -26.49 -8.26
C ARG A 71 -8.72 -27.36 -9.02
N GLU A 72 -10.00 -26.98 -8.97
CA GLU A 72 -11.04 -27.71 -9.73
C GLU A 72 -10.86 -27.64 -11.25
N ILE A 73 -10.15 -26.62 -11.75
CA ILE A 73 -9.82 -26.55 -13.18
C ILE A 73 -8.36 -26.93 -13.45
N GLY A 74 -7.74 -27.55 -12.46
CA GLY A 74 -6.37 -28.04 -12.62
C GLY A 74 -5.29 -27.03 -12.27
N GLY A 75 -5.69 -25.88 -11.76
CA GLY A 75 -4.73 -24.85 -11.41
C GLY A 75 -4.00 -25.09 -10.10
N GLU A 76 -3.01 -24.26 -9.82
CA GLU A 76 -2.22 -24.42 -8.60
C GLU A 76 -1.56 -23.09 -8.26
N VAL A 77 -1.09 -22.95 -7.04
CA VAL A 77 -0.52 -21.66 -6.60
C VAL A 77 0.85 -21.80 -5.93
N ILE A 78 1.57 -20.70 -5.90
CA ILE A 78 2.77 -20.53 -5.09
C ILE A 78 2.38 -19.46 -4.08
N ILE A 79 2.66 -19.70 -2.80
CA ILE A 79 2.36 -18.68 -1.79
C ILE A 79 3.62 -17.86 -1.50
N ALA A 80 3.51 -16.53 -1.68
CA ALA A 80 4.68 -15.66 -1.50
C ALA A 80 4.64 -14.87 -0.20
N PHE A 81 5.84 -14.69 0.36
CA PHE A 81 6.10 -13.95 1.61
C PHE A 81 6.98 -12.75 1.26
N GLY A 82 6.77 -11.65 1.97
CA GLY A 82 7.72 -10.52 1.90
C GLY A 82 7.23 -9.39 1.03
N GLY A 83 8.08 -9.00 0.08
CA GLY A 83 7.75 -7.94 -0.86
C GLY A 83 8.43 -6.64 -0.47
N ALA A 84 7.89 -5.53 -0.97
CA ALA A 84 8.60 -4.24 -0.89
C ALA A 84 8.68 -3.70 0.52
N VAL A 85 7.63 -3.93 1.30
N VAL A 85 7.64 -3.96 1.31
CA VAL A 85 7.54 -3.43 2.66
CA VAL A 85 7.51 -3.40 2.67
C VAL A 85 7.46 -4.60 3.65
C VAL A 85 7.26 -4.45 3.76
N GLY A 86 8.07 -4.41 4.82
CA GLY A 86 7.93 -5.34 5.94
C GLY A 86 6.74 -4.95 6.80
N PRO A 87 6.62 -5.54 8.01
CA PRO A 87 7.54 -6.48 8.64
C PRO A 87 7.32 -7.90 8.13
N TYR A 88 8.39 -8.53 7.68
CA TYR A 88 8.32 -9.93 7.23
C TYR A 88 8.21 -10.82 8.45
N LEU A 89 7.57 -11.98 8.28
CA LEU A 89 7.60 -13.00 9.35
C LEU A 89 9.04 -13.27 9.79
N CYS A 90 9.97 -13.35 8.85
CA CYS A 90 11.35 -13.71 9.15
C CYS A 90 12.10 -12.58 9.88
N GLN A 91 11.51 -11.39 9.89
CA GLN A 91 12.06 -10.27 10.65
C GLN A 91 11.46 -10.25 12.06
N GLN A 92 10.16 -10.46 12.14
CA GLN A 92 9.44 -10.41 13.42
C GLN A 92 9.72 -11.61 14.34
N ALA A 93 9.87 -12.80 13.78
CA ALA A 93 10.08 -14.02 14.59
C ALA A 93 11.34 -13.92 15.46
N SER A 94 11.20 -14.27 16.73
CA SER A 94 12.36 -14.23 17.64
C SER A 94 13.27 -15.44 17.46
N THR A 95 12.72 -16.57 17.03
CA THR A 95 13.50 -17.79 16.84
C THR A 95 13.14 -18.43 15.49
N PRO A 96 14.05 -19.23 14.93
CA PRO A 96 13.70 -20.02 13.74
C PRO A 96 12.55 -21.00 13.97
N GLU A 97 12.37 -21.47 15.21
CA GLU A 97 11.25 -22.36 15.52
C GLU A 97 9.91 -21.65 15.38
N GLN A 98 9.83 -20.42 15.89
CA GLN A 98 8.62 -19.63 15.73
C GLN A 98 8.36 -19.34 14.24
N LEU A 99 9.43 -19.03 13.52
CA LEU A 99 9.31 -18.69 12.10
C LEU A 99 8.80 -19.92 11.32
N ALA A 100 9.41 -21.07 11.57
CA ALA A 100 8.97 -22.31 10.91
C ALA A 100 7.52 -22.63 11.24
N GLU A 101 7.10 -22.43 12.50
CA GLU A 101 5.71 -22.65 12.89
C GLU A 101 4.77 -21.80 12.04
N TRP A 102 5.15 -20.54 11.79
CA TRP A 102 4.34 -19.65 10.99
C TRP A 102 4.27 -20.09 9.51
N TYR A 103 5.42 -20.42 8.94
CA TYR A 103 5.47 -20.92 7.56
C TYR A 103 4.64 -22.19 7.41
N ILE A 104 4.77 -23.10 8.38
CA ILE A 104 3.98 -24.35 8.35
C ILE A 104 2.47 -24.10 8.48
N LYS A 105 2.07 -23.09 9.26
CA LYS A 105 0.65 -22.73 9.34
C LYS A 105 0.14 -22.30 7.95
N VAL A 106 0.96 -21.56 7.23
CA VAL A 106 0.58 -21.12 5.89
C VAL A 106 0.48 -22.32 4.93
N ILE A 107 1.51 -23.17 4.91
CA ILE A 107 1.49 -24.38 4.10
C ILE A 107 0.22 -25.20 4.40
N ASP A 108 -0.07 -25.42 5.68
CA ASP A 108 -1.19 -26.28 6.07
C ASP A 108 -2.55 -25.67 5.74
N THR A 109 -2.66 -24.36 5.84
CA THR A 109 -3.93 -23.68 5.56
C THR A 109 -4.30 -23.84 4.08
N TYR A 110 -3.30 -23.78 3.21
CA TYR A 110 -3.53 -23.81 1.77
C TYR A 110 -3.18 -25.14 1.10
N ASN A 111 -2.74 -26.12 1.89
CA ASN A 111 -2.14 -27.34 1.32
C ASN A 111 -1.11 -26.91 0.26
N ALA A 112 -0.27 -25.95 0.62
CA ALA A 112 0.69 -25.40 -0.35
C ALA A 112 1.73 -26.43 -0.73
N THR A 113 2.15 -26.39 -1.99
CA THR A 113 3.24 -27.24 -2.48
C THR A 113 4.47 -26.43 -2.91
N TYR A 114 4.38 -25.11 -2.80
CA TYR A 114 5.45 -24.24 -3.27
C TYR A 114 5.35 -22.92 -2.51
N LEU A 115 6.48 -22.47 -1.95
CA LEU A 115 6.54 -21.17 -1.27
C LEU A 115 7.55 -20.28 -1.97
N ASP A 116 7.31 -18.98 -1.94
CA ASP A 116 8.17 -17.99 -2.56
C ASP A 116 8.56 -16.96 -1.49
N PHE A 117 9.87 -16.72 -1.35
CA PHE A 117 10.34 -15.72 -0.38
C PHE A 117 10.87 -14.54 -1.16
N ALA A 118 10.07 -13.48 -1.20
CA ALA A 118 10.42 -12.27 -1.94
C ALA A 118 11.13 -11.30 -0.98
N ILE A 119 12.45 -11.48 -0.90
CA ILE A 119 13.22 -10.81 0.13
CA ILE A 119 13.23 -10.81 0.13
C ILE A 119 13.90 -9.57 -0.44
N GLU A 120 13.32 -8.41 -0.12
CA GLU A 120 13.81 -7.14 -0.63
C GLU A 120 14.53 -6.34 0.45
N ALA A 121 14.09 -6.52 1.69
CA ALA A 121 14.67 -5.81 2.84
C ALA A 121 15.79 -6.64 3.50
N GLY A 122 16.59 -5.99 4.35
CA GLY A 122 17.61 -6.70 5.12
C GLY A 122 17.00 -7.71 6.08
N ILE A 123 17.54 -8.92 6.08
CA ILE A 123 17.06 -9.99 6.97
C ILE A 123 18.24 -10.75 7.58
N ASP A 124 17.94 -11.60 8.55
CA ASP A 124 18.92 -12.51 9.13
C ASP A 124 18.81 -13.83 8.36
N ALA A 125 19.71 -14.04 7.40
CA ALA A 125 19.65 -15.21 6.49
C ALA A 125 19.87 -16.52 7.23
N ASP A 126 20.68 -16.46 8.30
CA ASP A 126 20.93 -17.62 9.14
C ASP A 126 19.67 -18.09 9.85
N LYS A 127 18.89 -17.15 10.38
CA LYS A 127 17.62 -17.47 11.02
C LYS A 127 16.64 -18.03 9.99
N LEU A 128 16.58 -17.40 8.82
CA LEU A 128 15.70 -17.92 7.77
C LEU A 128 16.07 -19.34 7.38
N ALA A 129 17.36 -19.59 7.17
CA ALA A 129 17.82 -20.92 6.78
C ALA A 129 17.48 -21.95 7.84
N ASP A 130 17.71 -21.60 9.11
CA ASP A 130 17.37 -22.48 10.23
C ASP A 130 15.88 -22.83 10.28
N ALA A 131 15.02 -21.85 10.00
CA ALA A 131 13.59 -22.07 9.93
C ALA A 131 13.26 -22.99 8.76
N LEU A 132 13.87 -22.74 7.61
CA LEU A 132 13.56 -23.54 6.42
C LEU A 132 14.07 -24.99 6.53
N LEU A 133 15.15 -25.21 7.28
CA LEU A 133 15.55 -26.60 7.60
C LEU A 133 14.43 -27.34 8.34
N ILE A 134 13.77 -26.68 9.29
CA ILE A 134 12.63 -27.26 10.00
C ILE A 134 11.48 -27.51 9.01
N VAL A 135 11.15 -26.48 8.22
CA VAL A 135 10.02 -26.61 7.29
C VAL A 135 10.23 -27.78 6.32
N GLN A 136 11.39 -27.89 5.70
CA GLN A 136 11.59 -28.94 4.70
C GLN A 136 11.62 -30.33 5.35
N ARG A 137 12.02 -30.39 6.61
CA ARG A 137 11.99 -31.67 7.35
C ARG A 137 10.55 -32.08 7.65
N GLU A 138 9.72 -31.11 8.04
CA GLU A 138 8.35 -31.42 8.47
C GLU A 138 7.40 -31.53 7.27
N ARG A 139 7.72 -30.78 6.22
CA ARG A 139 6.88 -30.71 5.00
C ARG A 139 7.74 -30.98 3.76
N PRO A 140 8.25 -32.22 3.62
CA PRO A 140 9.26 -32.50 2.60
C PRO A 140 8.83 -32.41 1.13
N TRP A 141 7.54 -32.22 0.88
CA TRP A 141 7.00 -32.11 -0.48
C TRP A 141 6.92 -30.65 -0.97
N VAL A 142 7.26 -29.70 -0.10
CA VAL A 142 7.09 -28.26 -0.39
C VAL A 142 8.35 -27.67 -1.01
N LYS A 143 8.22 -27.09 -2.21
CA LYS A 143 9.36 -26.49 -2.91
C LYS A 143 9.57 -25.05 -2.42
N PHE A 144 10.82 -24.59 -2.45
CA PHE A 144 11.15 -23.20 -2.03
C PHE A 144 11.71 -22.39 -3.20
N SER A 145 11.14 -21.21 -3.39
CA SER A 145 11.58 -20.23 -4.39
C SER A 145 12.09 -19.00 -3.67
N PHE A 146 13.12 -18.36 -4.22
CA PHE A 146 13.68 -17.13 -3.66
C PHE A 146 13.63 -16.05 -4.72
N THR A 147 12.88 -14.99 -4.44
CA THR A 147 12.65 -13.91 -5.41
C THR A 147 13.37 -12.69 -4.85
N LEU A 148 14.31 -12.17 -5.64
CA LEU A 148 15.35 -11.27 -5.09
C LEU A 148 15.68 -10.11 -6.03
N PRO A 149 16.03 -8.94 -5.46
CA PRO A 149 16.44 -7.81 -6.31
C PRO A 149 17.62 -8.20 -7.21
N SER A 150 17.69 -7.60 -8.39
CA SER A 150 18.79 -7.90 -9.31
C SER A 150 19.17 -6.66 -10.10
N ASP A 151 20.27 -6.76 -10.84
CA ASP A 151 20.79 -5.64 -11.61
C ASP A 151 21.65 -6.24 -12.73
N PRO A 152 21.54 -5.70 -13.97
CA PRO A 152 22.24 -6.30 -15.12
C PRO A 152 23.76 -6.19 -15.06
N GLY A 153 24.28 -5.42 -14.11
CA GLY A 153 25.72 -5.34 -13.90
C GLY A 153 26.25 -6.42 -12.97
N ILE A 154 25.37 -7.06 -12.18
CA ILE A 154 25.85 -7.94 -11.11
C ILE A 154 25.08 -9.26 -10.94
N GLY A 155 23.88 -9.36 -11.50
CA GLY A 155 23.01 -10.49 -11.17
C GLY A 155 22.28 -10.21 -9.87
N LEU A 156 22.26 -11.17 -8.96
CA LEU A 156 21.68 -10.94 -7.63
C LEU A 156 22.60 -10.00 -6.87
N ALA A 157 22.02 -9.16 -6.00
CA ALA A 157 22.81 -8.29 -5.11
C ALA A 157 23.03 -8.98 -3.76
N GLY A 158 22.57 -8.37 -2.66
CA GLY A 158 22.66 -9.01 -1.34
C GLY A 158 21.93 -10.34 -1.25
N GLY A 159 20.93 -10.54 -2.12
CA GLY A 159 20.24 -11.82 -2.23
C GLY A 159 21.18 -12.97 -2.59
N TYR A 160 22.33 -12.66 -3.21
CA TYR A 160 23.30 -13.74 -3.48
C TYR A 160 23.75 -14.40 -2.18
N GLY A 161 23.98 -13.58 -1.15
CA GLY A 161 24.37 -14.09 0.16
C GLY A 161 23.31 -14.99 0.77
N ILE A 162 22.04 -14.69 0.47
CA ILE A 162 20.93 -15.53 0.97
C ILE A 162 21.00 -16.93 0.37
N ILE A 163 21.19 -17.00 -0.94
CA ILE A 163 21.29 -18.30 -1.64
C ILE A 163 22.55 -19.05 -1.19
N GLU A 164 23.67 -18.33 -1.07
CA GLU A 164 24.90 -18.94 -0.53
C GLU A 164 24.64 -19.61 0.83
N THR A 165 23.93 -18.91 1.70
CA THR A 165 23.60 -19.37 3.06
C THR A 165 22.71 -20.60 2.96
N MET A 166 21.67 -20.54 2.13
CA MET A 166 20.79 -21.72 1.94
C MET A 166 21.57 -22.97 1.52
N ALA A 167 22.39 -22.83 0.49
CA ALA A 167 23.16 -23.94 -0.04
C ALA A 167 24.11 -24.52 1.02
N LYS A 168 24.79 -23.64 1.76
CA LYS A 168 25.68 -24.10 2.85
C LYS A 168 24.94 -24.88 3.93
N LYS A 169 23.76 -24.36 4.31
CA LYS A 169 22.96 -24.94 5.38
C LYS A 169 22.27 -26.24 4.99
N GLY A 170 22.17 -26.49 3.68
CA GLY A 170 21.46 -27.65 3.16
C GLY A 170 19.97 -27.43 2.96
N VAL A 171 19.57 -26.16 2.80
CA VAL A 171 18.16 -25.84 2.51
C VAL A 171 17.95 -26.00 1.01
N ARG A 172 16.87 -26.67 0.62
CA ARG A 172 16.56 -26.88 -0.80
C ARG A 172 16.33 -25.52 -1.48
N VAL A 173 16.88 -25.38 -2.68
CA VAL A 173 16.67 -24.16 -3.48
C VAL A 173 16.11 -24.61 -4.83
N ASP A 174 14.78 -24.59 -4.94
CA ASP A 174 14.14 -25.09 -6.15
C ASP A 174 14.09 -24.06 -7.27
N ARG A 175 14.08 -22.78 -6.89
CA ARG A 175 13.91 -21.68 -7.85
C ARG A 175 14.60 -20.43 -7.32
N VAL A 176 15.37 -19.81 -8.21
CA VAL A 176 15.98 -18.51 -7.94
C VAL A 176 15.43 -17.55 -8.99
N ASN A 177 14.73 -16.53 -8.52
CA ASN A 177 13.83 -15.75 -9.37
C ASN A 177 14.17 -14.26 -9.26
N PRO A 178 15.21 -13.80 -9.95
CA PRO A 178 15.54 -12.38 -9.90
C PRO A 178 14.39 -11.49 -10.40
N MET A 179 14.21 -10.39 -9.69
CA MET A 179 13.28 -9.34 -10.06
C MET A 179 14.01 -8.43 -11.03
N THR A 180 13.70 -8.63 -12.31
CA THR A 180 14.38 -7.91 -13.40
C THR A 180 13.65 -6.59 -13.66
N MET A 181 13.82 -5.67 -12.72
CA MET A 181 13.06 -4.42 -12.68
C MET A 181 13.79 -3.38 -11.81
N ASP A 182 13.47 -2.12 -12.05
CA ASP A 182 13.78 -1.02 -11.12
C ASP A 182 15.27 -0.89 -10.85
N TYR A 183 16.06 -0.88 -11.92
CA TYR A 183 17.52 -0.68 -11.80
C TYR A 183 17.90 0.79 -11.60
N TYR A 184 17.01 1.69 -12.01
CA TYR A 184 17.24 3.16 -11.94
C TYR A 184 18.33 3.72 -12.86
N TRP A 185 19.47 3.05 -13.01
CA TRP A 185 20.55 3.60 -13.83
C TRP A 185 20.48 3.14 -15.30
N THR A 186 19.66 2.14 -15.56
CA THR A 186 19.54 1.55 -16.89
C THR A 186 18.10 0.99 -17.01
N PRO A 187 17.51 1.01 -18.21
CA PRO A 187 16.07 0.69 -18.28
C PRO A 187 15.68 -0.78 -18.07
N SER A 188 14.45 -0.99 -17.57
CA SER A 188 13.91 -2.35 -17.42
C SER A 188 13.38 -2.88 -18.74
N ASN A 189 14.26 -3.52 -19.51
CA ASN A 189 13.91 -4.05 -20.82
C ASN A 189 14.33 -5.52 -20.97
N ALA A 190 14.14 -6.12 -22.15
CA ALA A 190 14.46 -7.54 -22.29
C ALA A 190 15.98 -7.74 -22.26
N GLU A 191 16.72 -6.83 -22.89
CA GLU A 191 18.18 -6.95 -22.96
C GLU A 191 18.79 -7.03 -21.55
N ASN A 192 18.33 -6.13 -20.69
CA ASN A 192 18.83 -6.10 -19.30
C ASN A 192 18.35 -7.29 -18.47
N ALA A 193 17.11 -7.74 -18.70
CA ALA A 193 16.61 -8.97 -18.04
C ALA A 193 17.47 -10.19 -18.42
N ILE A 194 17.87 -10.26 -19.69
CA ILE A 194 18.75 -11.33 -20.16
C ILE A 194 20.15 -11.23 -19.55
N LYS A 195 20.66 -10.01 -19.40
CA LYS A 195 21.97 -9.84 -18.74
C LYS A 195 21.91 -10.31 -17.30
N VAL A 196 20.82 -9.94 -16.60
CA VAL A 196 20.62 -10.46 -15.24
C VAL A 196 20.62 -11.98 -15.24
N ALA A 197 19.86 -12.59 -16.16
CA ALA A 197 19.78 -14.06 -16.21
C ALA A 197 21.17 -14.70 -16.36
N GLU A 198 21.97 -14.13 -17.26
CA GLU A 198 23.32 -14.64 -17.51
C GLU A 198 24.21 -14.51 -16.28
N ASN A 199 24.10 -13.37 -15.59
CA ASN A 199 24.89 -13.15 -14.37
C ASN A 199 24.47 -14.10 -13.25
N VAL A 200 23.17 -14.32 -13.13
CA VAL A 200 22.64 -15.24 -12.11
C VAL A 200 23.08 -16.68 -12.41
N PHE A 201 23.08 -17.05 -13.69
CA PHE A 201 23.62 -18.35 -14.12
C PHE A 201 25.05 -18.55 -13.57
N ARG A 202 25.93 -17.57 -13.77
CA ARG A 202 27.32 -17.63 -13.27
C ARG A 202 27.35 -17.70 -11.74
N GLN A 203 26.51 -16.92 -11.07
CA GLN A 203 26.42 -16.93 -9.61
C GLN A 203 26.05 -18.32 -9.10
N LEU A 204 25.06 -18.94 -9.74
CA LEU A 204 24.60 -20.25 -9.27
C LEU A 204 25.60 -21.35 -9.59
N LYS A 205 26.33 -21.22 -10.71
CA LYS A 205 27.42 -22.15 -11.03
C LYS A 205 28.51 -22.11 -9.96
N GLN A 206 28.76 -20.93 -9.38
CA GLN A 206 29.70 -20.84 -8.24
C GLN A 206 29.24 -21.59 -7.00
N ILE A 207 27.94 -21.50 -6.70
CA ILE A 207 27.39 -22.17 -5.52
C ILE A 207 27.30 -23.68 -5.79
N TYR A 208 26.84 -24.03 -6.99
CA TYR A 208 26.58 -25.43 -7.36
C TYR A 208 27.40 -25.85 -8.59
N PRO A 209 28.74 -25.96 -8.45
CA PRO A 209 29.59 -26.21 -9.60
C PRO A 209 29.37 -27.59 -10.23
N GLU A 210 28.75 -28.49 -9.46
CA GLU A 210 28.46 -29.85 -9.94
C GLU A 210 27.24 -29.90 -10.86
N LYS A 211 26.44 -28.82 -10.88
CA LYS A 211 25.25 -28.83 -11.73
C LYS A 211 25.57 -28.56 -13.20
N SER A 212 24.85 -29.25 -14.10
CA SER A 212 24.98 -29.01 -15.52
C SER A 212 24.37 -27.65 -15.87
N ASP A 213 24.70 -27.16 -17.07
CA ASP A 213 24.13 -25.90 -17.57
C ASP A 213 22.60 -25.97 -17.54
N GLU A 214 22.06 -27.12 -17.94
CA GLU A 214 20.60 -27.30 -18.03
C GLU A 214 19.97 -27.33 -16.64
N GLU A 215 20.66 -27.95 -15.68
CA GLU A 215 20.23 -27.93 -14.29
C GLU A 215 20.17 -26.50 -13.72
N ILE A 216 21.17 -25.69 -14.04
CA ILE A 216 21.19 -24.31 -13.55
C ILE A 216 20.04 -23.51 -14.19
N TRP A 217 19.86 -23.64 -15.50
CA TRP A 217 18.77 -22.88 -16.16
C TRP A 217 17.42 -23.28 -15.59
N LYS A 218 17.27 -24.57 -15.28
CA LYS A 218 16.02 -25.05 -14.68
C LYS A 218 15.69 -24.40 -13.33
N MET A 219 16.73 -24.06 -12.56
CA MET A 219 16.56 -23.40 -11.26
C MET A 219 16.18 -21.94 -11.41
N ILE A 220 16.41 -21.36 -12.58
CA ILE A 220 16.23 -19.92 -12.76
C ILE A 220 14.83 -19.55 -13.26
N GLY A 221 14.27 -18.50 -12.67
CA GLY A 221 13.04 -17.86 -13.15
C GLY A 221 13.33 -16.38 -13.33
N LEU A 222 12.54 -15.68 -14.15
CA LEU A 222 12.70 -14.22 -14.30
C LEU A 222 11.38 -13.53 -14.09
N THR A 223 11.42 -12.42 -13.33
CA THR A 223 10.22 -11.63 -13.03
C THR A 223 10.38 -10.14 -13.32
N PRO A 224 9.93 -9.69 -14.51
CA PRO A 224 9.86 -8.25 -14.76
C PRO A 224 8.66 -7.58 -14.11
N MET A 225 8.66 -6.24 -14.14
CA MET A 225 7.50 -5.46 -13.76
C MET A 225 6.95 -4.97 -15.09
N ILE A 226 5.70 -5.32 -15.41
CA ILE A 226 5.18 -5.02 -16.75
C ILE A 226 4.88 -3.53 -16.93
N GLY A 227 5.10 -3.04 -18.15
CA GLY A 227 4.84 -1.65 -18.46
C GLY A 227 5.74 -0.74 -17.64
N VAL A 228 5.18 0.34 -17.12
CA VAL A 228 5.99 1.33 -16.44
CA VAL A 228 5.97 1.34 -16.42
C VAL A 228 6.53 0.76 -15.12
N ASN A 229 7.82 0.97 -14.89
CA ASN A 229 8.46 0.55 -13.68
C ASN A 229 8.53 1.73 -12.73
N ASP A 230 8.96 1.47 -11.49
CA ASP A 230 9.02 2.53 -10.48
C ASP A 230 10.02 3.64 -10.83
N ASP A 231 10.99 3.32 -11.69
CA ASP A 231 12.01 4.26 -12.13
C ASP A 231 11.69 4.99 -13.44
N LYS A 232 10.44 4.87 -13.89
CA LYS A 232 9.95 5.50 -15.12
C LYS A 232 10.33 4.78 -16.42
N SER A 233 11.24 3.80 -16.37
CA SER A 233 11.51 3.00 -17.56
C SER A 233 10.30 2.10 -17.84
N VAL A 234 10.22 1.56 -19.04
CA VAL A 234 9.01 0.79 -19.43
C VAL A 234 9.45 -0.55 -20.01
N PHE A 235 8.96 -1.63 -19.40
CA PHE A 235 9.14 -2.97 -19.92
C PHE A 235 7.95 -3.18 -20.86
N THR A 236 8.23 -3.10 -22.16
CA THR A 236 7.17 -3.04 -23.19
C THR A 236 6.66 -4.43 -23.59
N LEU A 237 5.57 -4.46 -24.37
CA LEU A 237 5.06 -5.72 -24.88
C LEU A 237 6.09 -6.40 -25.79
N GLU A 238 6.86 -5.61 -26.54
CA GLU A 238 7.96 -6.13 -27.36
C GLU A 238 9.05 -6.75 -26.47
N ASP A 239 9.38 -6.09 -25.37
CA ASP A 239 10.30 -6.68 -24.37
C ASP A 239 9.78 -8.01 -23.86
N ALA A 240 8.48 -8.07 -23.54
CA ALA A 240 7.87 -9.32 -23.08
C ALA A 240 8.08 -10.44 -24.11
N GLN A 241 7.82 -10.14 -25.37
CA GLN A 241 7.95 -11.15 -26.42
C GLN A 241 9.39 -11.60 -26.58
N GLN A 242 10.33 -10.64 -26.59
CA GLN A 242 11.75 -10.98 -26.68
C GLN A 242 12.22 -11.84 -25.51
N LEU A 243 11.79 -11.49 -24.28
CA LEU A 243 12.18 -12.27 -23.11
C LEU A 243 11.58 -13.68 -23.14
N VAL A 244 10.31 -13.79 -23.54
CA VAL A 244 9.67 -15.11 -23.66
C VAL A 244 10.41 -15.97 -24.67
N ASP A 245 10.77 -15.40 -25.82
CA ASP A 245 11.51 -16.18 -26.82
C ASP A 245 12.87 -16.65 -26.30
N TRP A 246 13.58 -15.77 -25.59
CA TRP A 246 14.87 -16.12 -24.97
C TRP A 246 14.67 -17.25 -23.92
N ALA A 247 13.64 -17.10 -23.10
CA ALA A 247 13.35 -18.06 -22.03
C ALA A 247 13.02 -19.45 -22.61
N ILE A 248 12.26 -19.48 -23.69
CA ILE A 248 11.94 -20.76 -24.36
C ILE A 248 13.24 -21.39 -24.89
N GLN A 249 14.03 -20.59 -25.58
CA GLN A 249 15.29 -21.09 -26.14
C GLN A 249 16.23 -21.67 -25.09
N HIS A 250 16.30 -21.03 -23.92
CA HIS A 250 17.20 -21.48 -22.85
C HIS A 250 16.60 -22.50 -21.89
N LYS A 251 15.32 -22.83 -22.13
CA LYS A 251 14.57 -23.83 -21.35
C LYS A 251 14.69 -23.54 -19.84
N ILE A 252 14.51 -22.27 -19.47
CA ILE A 252 14.59 -21.90 -18.04
C ILE A 252 13.36 -22.42 -17.29
N GLY A 253 13.43 -22.45 -15.97
CA GLY A 253 12.38 -23.08 -15.18
C GLY A 253 11.05 -22.34 -15.20
N SER A 254 11.10 -21.01 -15.21
CA SER A 254 9.85 -20.26 -15.01
C SER A 254 9.92 -18.79 -15.40
N LEU A 255 8.74 -18.20 -15.60
CA LEU A 255 8.58 -16.75 -15.70
C LEU A 255 7.47 -16.31 -14.75
N ALA A 256 7.54 -15.06 -14.30
CA ALA A 256 6.41 -14.45 -13.59
C ALA A 256 6.47 -12.96 -13.92
N PHE A 257 5.49 -12.20 -13.45
CA PHE A 257 5.63 -10.75 -13.52
C PHE A 257 4.84 -10.05 -12.45
N TRP A 258 5.21 -8.80 -12.18
CA TRP A 258 4.48 -7.93 -11.29
C TRP A 258 3.66 -6.96 -12.16
N SER A 259 2.34 -7.12 -12.24
CA SER A 259 1.48 -8.09 -11.55
C SER A 259 0.23 -8.29 -12.40
N VAL A 260 -0.59 -9.27 -11.99
CA VAL A 260 -1.83 -9.58 -12.72
C VAL A 260 -2.77 -8.39 -12.79
N ASP A 261 -3.03 -7.73 -11.65
CA ASP A 261 -3.94 -6.60 -11.69
C ASP A 261 -3.37 -5.37 -12.38
N ARG A 262 -2.04 -5.36 -12.65
CA ARG A 262 -1.49 -4.27 -13.48
C ARG A 262 -1.62 -4.50 -15.00
N ASP A 263 -2.15 -5.65 -15.43
CA ASP A 263 -2.18 -5.96 -16.88
C ASP A 263 -3.39 -5.33 -17.61
N HIS A 264 -3.45 -4.00 -17.55
CA HIS A 264 -4.53 -3.21 -18.15
C HIS A 264 -3.90 -1.92 -18.61
N PRO A 265 -4.45 -1.31 -19.68
CA PRO A 265 -3.89 -0.03 -20.09
C PRO A 265 -4.23 1.07 -19.08
N GLY A 266 -3.40 2.11 -19.04
CA GLY A 266 -3.62 3.24 -18.14
C GLY A 266 -2.93 4.46 -18.72
N PRO A 267 -3.18 5.64 -18.12
CA PRO A 267 -2.52 6.88 -18.55
C PRO A 267 -1.01 6.68 -18.63
N THR A 268 -0.41 7.19 -19.70
CA THR A 268 1.01 6.97 -19.99
C THR A 268 1.92 7.28 -18.81
N GLY A 269 2.69 6.28 -18.38
CA GLY A 269 3.73 6.48 -17.38
C GLY A 269 3.27 6.54 -15.93
N GLU A 270 1.96 6.37 -15.71
CA GLU A 270 1.41 6.43 -14.36
C GLU A 270 1.66 5.10 -13.67
N VAL A 271 2.20 5.17 -12.47
CA VAL A 271 2.49 3.97 -11.65
C VAL A 271 1.30 3.68 -10.75
N SER A 272 0.76 2.46 -10.88
CA SER A 272 -0.48 2.06 -10.22
C SER A 272 -0.46 0.56 -9.96
N PRO A 273 -1.16 0.11 -8.90
CA PRO A 273 -1.41 -1.34 -8.76
C PRO A 273 -2.52 -1.90 -9.69
N LEU A 274 -3.20 -1.01 -10.41
CA LEU A 274 -4.43 -1.36 -11.14
C LEU A 274 -4.28 -1.31 -12.66
N HIS A 275 -3.11 -0.87 -13.14
CA HIS A 275 -2.82 -0.78 -14.57
C HIS A 275 -1.31 -0.60 -14.74
N ARG A 276 -0.82 -0.66 -15.97
CA ARG A 276 0.63 -0.65 -16.16
C ARG A 276 1.15 0.58 -16.89
N GLY A 277 0.33 1.61 -17.03
CA GLY A 277 0.82 2.86 -17.59
C GLY A 277 1.26 2.77 -19.05
N THR A 278 0.74 1.77 -19.77
CA THR A 278 0.94 1.69 -21.20
C THR A 278 -0.41 1.50 -21.91
N ASN A 279 -0.39 1.46 -23.23
CA ASN A 279 -1.65 1.38 -23.97
C ASN A 279 -2.04 -0.01 -24.48
N ASP A 280 -1.29 -1.04 -24.09
CA ASP A 280 -1.62 -2.39 -24.53
C ASP A 280 -2.95 -2.84 -23.94
N PRO A 281 -3.74 -3.61 -24.72
CA PRO A 281 -5.09 -3.99 -24.24
C PRO A 281 -5.06 -4.89 -23.01
N ASP A 282 -6.20 -5.01 -22.32
CA ASP A 282 -6.31 -5.87 -21.14
C ASP A 282 -5.70 -7.25 -21.41
N TRP A 283 -4.89 -7.71 -20.46
CA TRP A 283 -4.33 -9.06 -20.45
C TRP A 283 -3.30 -9.34 -21.54
N ALA A 284 -2.83 -8.28 -22.21
CA ALA A 284 -1.87 -8.44 -23.32
C ALA A 284 -0.55 -9.08 -22.87
N PHE A 285 -0.02 -8.64 -21.72
CA PHE A 285 1.23 -9.23 -21.24
C PHE A 285 1.04 -10.67 -20.80
N SER A 286 -0.04 -10.91 -20.07
CA SER A 286 -0.41 -12.28 -19.67
C SER A 286 -0.38 -13.22 -20.87
N HIS A 287 -1.01 -12.82 -21.97
CA HIS A 287 -1.09 -13.70 -23.15
C HIS A 287 0.25 -13.99 -23.82
N VAL A 288 1.15 -12.99 -23.82
CA VAL A 288 2.49 -13.21 -24.32
C VAL A 288 3.28 -14.19 -23.44
N PHE A 289 3.25 -13.98 -22.12
CA PHE A 289 3.97 -14.86 -21.19
C PHE A 289 3.43 -16.30 -21.21
N VAL A 290 2.12 -16.45 -21.44
CA VAL A 290 1.55 -17.81 -21.50
C VAL A 290 2.22 -18.63 -22.63
N LYS A 291 2.67 -17.96 -23.69
CA LYS A 291 3.38 -18.63 -24.79
C LYS A 291 4.62 -19.40 -24.33
N PHE A 292 5.25 -18.92 -23.25
CA PHE A 292 6.37 -19.64 -22.63
C PHE A 292 5.92 -21.04 -22.21
N MET A 293 4.78 -21.15 -21.52
CA MET A 293 4.28 -22.47 -21.11
C MET A 293 3.80 -23.32 -22.28
N GLU A 294 3.19 -22.66 -23.26
CA GLU A 294 2.62 -23.36 -24.42
C GLU A 294 3.71 -24.05 -25.24
N ALA A 295 4.91 -23.48 -25.27
CA ALA A 295 6.04 -24.10 -25.99
C ALA A 295 6.34 -25.49 -25.43
N PHE A 296 6.03 -25.67 -24.15
CA PHE A 296 6.40 -26.89 -23.43
C PHE A 296 5.17 -27.70 -23.02
N GLY A 297 4.09 -27.57 -23.79
CA GLY A 297 2.98 -28.53 -23.69
C GLY A 297 1.69 -28.02 -23.11
N TYR A 298 1.73 -26.86 -22.46
CA TYR A 298 0.55 -26.34 -21.77
C TYR A 298 -0.60 -25.95 -22.69
N THR A 299 -1.82 -26.28 -22.25
CA THR A 299 -3.01 -25.92 -22.98
C THR A 299 -4.13 -25.59 -22.00
N PHE A 300 -4.90 -24.54 -22.28
CA PHE A 300 -6.01 -24.14 -21.43
C PHE A 300 -7.06 -23.39 -22.24
N GLY B 1 -15.68 16.67 27.57
CA GLY B 1 -16.91 15.89 27.92
C GLY B 1 -16.58 14.52 28.49
N PRO B 2 -17.60 13.79 29.00
CA PRO B 2 -17.34 12.52 29.67
C PRO B 2 -16.78 11.43 28.76
N ASN B 3 -17.11 11.48 27.47
CA ASN B 3 -16.69 10.43 26.53
C ASN B 3 -16.03 10.92 25.23
N ALA B 4 -15.69 12.20 25.20
CA ALA B 4 -14.92 12.79 24.11
C ALA B 4 -14.27 14.05 24.62
N ASN B 5 -13.12 14.39 24.06
CA ASN B 5 -12.41 15.62 24.46
C ASN B 5 -12.49 16.70 23.39
N PRO B 6 -12.30 17.96 23.80
CA PRO B 6 -12.25 19.02 22.78
C PRO B 6 -11.01 18.93 21.87
N ILE B 7 -11.20 19.26 20.61
CA ILE B 7 -10.09 19.43 19.68
C ILE B 7 -9.91 20.95 19.57
N PRO B 8 -8.66 21.45 19.70
CA PRO B 8 -8.45 22.89 19.68
C PRO B 8 -8.97 23.58 18.42
N GLU B 9 -9.30 24.85 18.56
CA GLU B 9 -9.80 25.66 17.45
C GLU B 9 -8.81 25.69 16.28
N HIS B 10 -7.51 25.73 16.59
CA HIS B 10 -6.45 25.62 15.59
C HIS B 10 -5.68 24.36 15.95
N PHE B 11 -5.78 23.31 15.12
CA PHE B 11 -5.25 22.01 15.52
C PHE B 11 -4.26 21.39 14.52
N PHE B 12 -3.45 20.47 15.04
CA PHE B 12 -2.60 19.63 14.17
C PHE B 12 -2.93 18.17 14.47
N ALA B 13 -3.41 17.44 13.45
CA ALA B 13 -3.93 16.06 13.62
C ALA B 13 -3.47 15.21 12.43
N PRO B 14 -2.22 14.77 12.47
CA PRO B 14 -1.66 14.08 11.30
C PRO B 14 -2.31 12.71 11.11
N TYR B 15 -2.23 12.20 9.88
CA TYR B 15 -2.84 10.91 9.49
C TYR B 15 -2.04 9.73 10.00
N ILE B 16 -2.74 8.73 10.53
CA ILE B 16 -2.15 7.43 10.86
C ILE B 16 -2.87 6.37 10.03
N ASP B 17 -2.09 5.60 9.26
CA ASP B 17 -2.60 4.47 8.51
C ASP B 17 -2.80 3.32 9.50
N MET B 18 -4.06 3.10 9.88
CA MET B 18 -4.40 2.17 10.95
C MET B 18 -4.16 0.72 10.58
N SER B 19 -4.01 0.45 9.29
CA SER B 19 -3.86 -0.92 8.79
C SER B 19 -2.44 -1.47 8.91
N LEU B 20 -1.47 -0.61 9.22
CA LEU B 20 -0.06 -1.05 9.21
C LEU B 20 0.24 -1.96 10.39
N SER B 21 1.04 -3.00 10.15
CA SER B 21 1.44 -3.91 11.23
CA SER B 21 1.42 -3.89 11.25
C SER B 21 2.29 -3.19 12.29
N VAL B 22 3.04 -2.17 11.87
CA VAL B 22 3.89 -1.40 12.77
C VAL B 22 3.07 -0.59 13.79
N HIS B 23 1.75 -0.54 13.60
CA HIS B 23 0.88 0.37 14.37
C HIS B 23 1.13 0.33 15.88
N LYS B 24 1.51 1.48 16.44
CA LYS B 24 1.65 1.66 17.91
C LYS B 24 0.32 2.12 18.53
N PRO B 25 0.14 1.92 19.85
CA PRO B 25 -1.04 2.53 20.47
C PRO B 25 -1.07 4.05 20.24
N LEU B 26 -2.26 4.58 20.03
CA LEU B 26 -2.41 6.04 19.86
C LEU B 26 -1.75 6.85 20.99
N VAL B 27 -1.86 6.38 22.25
CA VAL B 27 -1.22 7.08 23.36
CA VAL B 27 -1.24 7.10 23.34
C VAL B 27 0.29 7.17 23.19
N GLU B 28 0.88 6.12 22.63
CA GLU B 28 2.32 6.12 22.40
C GLU B 28 2.71 7.11 21.29
N TYR B 29 1.97 7.13 20.18
CA TYR B 29 2.22 8.16 19.17
C TYR B 29 2.09 9.58 19.76
N ALA B 30 1.15 9.78 20.66
CA ALA B 30 1.01 11.11 21.29
C ALA B 30 2.29 11.53 22.03
N LYS B 31 2.81 10.64 22.86
CA LYS B 31 4.07 10.88 23.57
C LYS B 31 5.24 11.17 22.62
N LEU B 32 5.30 10.44 21.51
CA LEU B 32 6.43 10.53 20.59
C LEU B 32 6.36 11.76 19.69
N THR B 33 5.16 12.05 19.17
CA THR B 33 4.96 13.12 18.19
C THR B 33 4.75 14.49 18.84
N GLY B 34 4.25 14.48 20.07
CA GLY B 34 3.92 15.73 20.76
C GLY B 34 2.50 16.22 20.52
N THR B 35 1.74 15.57 19.64
CA THR B 35 0.32 15.90 19.45
C THR B 35 -0.55 14.78 19.98
N LYS B 36 -1.61 15.10 20.69
CA LYS B 36 -2.55 14.07 21.11
C LYS B 36 -3.83 14.06 20.27
N TYR B 37 -3.77 14.65 19.07
CA TYR B 37 -4.87 14.56 18.07
C TYR B 37 -4.35 13.92 16.81
N PHE B 38 -5.13 12.97 16.29
CA PHE B 38 -4.78 12.23 15.08
C PHE B 38 -5.98 12.05 14.18
N THR B 39 -5.70 11.96 12.87
CA THR B 39 -6.72 11.56 11.91
C THR B 39 -6.51 10.09 11.59
N LEU B 40 -7.48 9.26 11.93
CA LEU B 40 -7.35 7.81 11.78
C LEU B 40 -7.81 7.43 10.39
N ALA B 41 -6.92 6.78 9.64
CA ALA B 41 -7.15 6.49 8.21
C ALA B 41 -7.04 5.00 7.88
N PHE B 42 -7.88 4.44 7.00
CA PHE B 42 -9.10 5.03 6.42
C PHE B 42 -10.24 4.02 6.56
N ILE B 43 -11.46 4.52 6.76
CA ILE B 43 -12.65 3.66 6.68
C ILE B 43 -13.06 3.50 5.22
N LEU B 44 -13.32 2.25 4.83
CA LEU B 44 -13.84 1.93 3.50
C LEU B 44 -14.98 0.95 3.63
N TYR B 45 -15.65 0.70 2.50
CA TYR B 45 -16.63 -0.38 2.42
C TYR B 45 -15.93 -1.73 2.44
N SER B 46 -16.41 -2.64 3.28
CA SER B 46 -15.97 -4.03 3.29
C SER B 46 -17.11 -4.94 2.81
N SER B 47 -16.85 -5.77 1.82
CA SER B 47 -17.87 -6.74 1.42
C SER B 47 -18.06 -7.82 2.49
N VAL B 48 -16.99 -8.17 3.18
CA VAL B 48 -17.05 -9.14 4.28
C VAL B 48 -18.02 -8.72 5.39
N TYR B 49 -17.91 -7.47 5.84
CA TYR B 49 -18.78 -6.94 6.88
C TYR B 49 -20.02 -6.21 6.33
N ASN B 50 -20.11 -6.08 5.01
CA ASN B 50 -21.16 -5.29 4.31
C ASN B 50 -21.39 -3.93 4.98
N GLY B 51 -20.31 -3.18 5.10
CA GLY B 51 -20.35 -1.92 5.81
C GLY B 51 -18.94 -1.44 6.11
N PRO B 52 -18.82 -0.42 6.97
CA PRO B 52 -17.53 0.21 7.27
C PRO B 52 -16.52 -0.70 7.96
N ALA B 53 -15.26 -0.59 7.53
CA ALA B 53 -14.14 -1.31 8.12
C ALA B 53 -12.85 -0.57 7.78
N TRP B 54 -11.80 -0.77 8.58
CA TRP B 54 -10.54 -0.07 8.33
C TRP B 54 -9.84 -0.73 7.16
N ALA B 55 -9.36 0.09 6.22
CA ALA B 55 -8.69 -0.42 5.01
C ALA B 55 -9.63 -1.33 4.19
N GLY B 56 -10.92 -1.31 4.53
CA GLY B 56 -11.91 -2.25 3.99
C GLY B 56 -11.71 -3.71 4.38
N SER B 57 -10.97 -3.96 5.47
CA SER B 57 -10.57 -5.33 5.91
C SER B 57 -10.53 -5.58 7.42
N ILE B 58 -10.21 -4.56 8.21
CA ILE B 58 -10.07 -4.69 9.66
C ILE B 58 -11.37 -4.26 10.34
N PRO B 59 -11.92 -5.10 11.25
CA PRO B 59 -13.23 -4.80 11.86
C PRO B 59 -13.28 -3.38 12.41
N LEU B 60 -14.43 -2.73 12.23
CA LEU B 60 -14.60 -1.33 12.62
C LEU B 60 -14.22 -1.05 14.08
N GLU B 61 -14.61 -1.96 14.99
CA GLU B 61 -14.42 -1.68 16.44
C GLU B 61 -13.01 -1.93 16.95
N LYS B 62 -12.08 -2.31 16.06
CA LYS B 62 -10.77 -2.79 16.50
C LYS B 62 -10.02 -1.77 17.37
N PHE B 63 -10.23 -0.48 17.08
CA PHE B 63 -9.41 0.57 17.68
C PHE B 63 -10.15 1.39 18.75
N VAL B 64 -11.32 0.89 19.16
CA VAL B 64 -12.12 1.60 20.17
C VAL B 64 -11.33 1.77 21.48
N ASP B 65 -10.70 0.69 21.94
CA ASP B 65 -9.90 0.75 23.17
C ASP B 65 -8.73 1.73 23.05
N GLU B 66 -8.07 1.77 21.89
CA GLU B 66 -6.96 2.70 21.70
C GLU B 66 -7.42 4.16 21.80
N VAL B 67 -8.59 4.45 21.25
CA VAL B 67 -9.15 5.81 21.27
C VAL B 67 -9.56 6.17 22.71
N ARG B 68 -10.19 5.24 23.41
CA ARG B 68 -10.47 5.42 24.85
C ARG B 68 -9.20 5.76 25.64
N GLU B 69 -8.12 5.03 25.38
CA GLU B 69 -6.86 5.27 26.08
C GLU B 69 -6.24 6.62 25.72
N LEU B 70 -6.33 6.99 24.44
CA LEU B 70 -5.91 8.33 24.05
C LEU B 70 -6.70 9.43 24.77
N ARG B 71 -7.99 9.20 24.95
CA ARG B 71 -8.87 10.20 25.61
C ARG B 71 -8.49 10.37 27.09
N GLU B 72 -7.90 9.34 27.68
CA GLU B 72 -7.44 9.43 29.09
C GLU B 72 -6.30 10.43 29.31
N ILE B 73 -5.61 10.81 28.24
CA ILE B 73 -4.61 11.87 28.32
C ILE B 73 -5.09 13.19 27.67
N GLY B 74 -6.40 13.27 27.42
CA GLY B 74 -6.98 14.50 26.88
C GLY B 74 -7.01 14.52 25.36
N GLY B 75 -6.55 13.43 24.75
CA GLY B 75 -6.49 13.35 23.29
C GLY B 75 -7.84 13.11 22.62
N GLU B 76 -7.86 13.21 21.30
CA GLU B 76 -9.11 13.05 20.54
C GLU B 76 -8.75 12.75 19.09
N VAL B 77 -9.72 12.26 18.33
CA VAL B 77 -9.45 11.84 16.96
C VAL B 77 -10.42 12.41 15.94
N ILE B 78 -9.96 12.45 14.69
CA ILE B 78 -10.83 12.66 13.55
C ILE B 78 -10.82 11.33 12.80
N ILE B 79 -12.00 10.84 12.41
CA ILE B 79 -12.09 9.56 11.68
C ILE B 79 -12.19 9.86 10.19
N ALA B 80 -11.25 9.32 9.41
CA ALA B 80 -11.20 9.57 7.97
C ALA B 80 -11.76 8.41 7.14
N PHE B 81 -12.45 8.81 6.07
CA PHE B 81 -13.08 7.90 5.11
C PHE B 81 -12.39 8.10 3.78
N GLY B 82 -12.23 7.00 3.03
CA GLY B 82 -11.77 7.14 1.64
C GLY B 82 -10.28 6.91 1.45
N GLY B 83 -9.61 7.89 0.84
CA GLY B 83 -8.16 7.79 0.57
C GLY B 83 -7.83 7.34 -0.85
N ALA B 84 -6.63 6.81 -1.03
CA ALA B 84 -6.10 6.56 -2.39
C ALA B 84 -6.76 5.37 -3.08
N VAL B 85 -7.29 4.44 -2.30
CA VAL B 85 -7.95 3.25 -2.84
C VAL B 85 -9.37 3.11 -2.33
N GLY B 86 -10.26 2.58 -3.19
CA GLY B 86 -11.66 2.31 -2.84
C GLY B 86 -11.83 0.87 -2.38
N PRO B 87 -13.09 0.38 -2.24
CA PRO B 87 -14.32 1.12 -2.53
C PRO B 87 -14.73 2.00 -1.35
N TYR B 88 -15.07 3.25 -1.64
CA TYR B 88 -15.57 4.16 -0.62
C TYR B 88 -16.99 3.76 -0.24
N LEU B 89 -17.36 4.03 1.01
CA LEU B 89 -18.76 3.86 1.42
C LEU B 89 -19.67 4.68 0.48
N CYS B 90 -19.25 5.89 0.11
CA CYS B 90 -20.11 6.76 -0.70
C CYS B 90 -20.22 6.28 -2.17
N GLN B 91 -19.34 5.37 -2.57
CA GLN B 91 -19.41 4.72 -3.88
C GLN B 91 -20.30 3.48 -3.82
N GLN B 92 -20.17 2.70 -2.75
CA GLN B 92 -20.89 1.44 -2.62
C GLN B 92 -22.37 1.60 -2.31
N ALA B 93 -22.71 2.59 -1.47
CA ALA B 93 -24.08 2.74 -0.98
C ALA B 93 -25.06 2.96 -2.14
N SER B 94 -26.17 2.22 -2.14
CA SER B 94 -27.19 2.37 -3.17
C SER B 94 -28.02 3.65 -2.99
N THR B 95 -28.17 4.09 -1.75
CA THR B 95 -29.01 5.23 -1.40
C THR B 95 -28.31 6.16 -0.42
N PRO B 96 -28.71 7.45 -0.37
CA PRO B 96 -28.14 8.29 0.70
C PRO B 96 -28.51 7.82 2.10
N GLU B 97 -29.68 7.20 2.26
CA GLU B 97 -30.07 6.66 3.58
C GLU B 97 -29.12 5.56 4.08
N GLN B 98 -28.73 4.65 3.18
N GLN B 98 -28.74 4.67 3.17
CA GLN B 98 -27.79 3.60 3.53
CA GLN B 98 -27.80 3.60 3.49
C GLN B 98 -26.42 4.20 3.87
C GLN B 98 -26.44 4.20 3.86
N LEU B 99 -26.00 5.18 3.08
CA LEU B 99 -24.73 5.85 3.30
C LEU B 99 -24.71 6.54 4.67
N ALA B 100 -25.78 7.27 4.99
CA ALA B 100 -25.88 7.95 6.28
C ALA B 100 -25.88 6.97 7.45
N GLU B 101 -26.60 5.86 7.30
CA GLU B 101 -26.58 4.79 8.31
C GLU B 101 -25.15 4.31 8.61
N TRP B 102 -24.36 4.09 7.56
CA TRP B 102 -22.97 3.68 7.71
C TRP B 102 -22.08 4.73 8.40
N TYR B 103 -22.21 5.99 7.97
CA TYR B 103 -21.46 7.07 8.63
C TYR B 103 -21.84 7.17 10.12
N ILE B 104 -23.14 7.07 10.39
CA ILE B 104 -23.63 7.16 11.77
C ILE B 104 -23.17 5.97 12.61
N LYS B 105 -23.10 4.79 12.01
CA LYS B 105 -22.50 3.64 12.72
C LYS B 105 -21.06 3.92 13.15
N VAL B 106 -20.26 4.53 12.27
CA VAL B 106 -18.90 4.92 12.64
C VAL B 106 -18.86 5.96 13.77
N ILE B 107 -19.69 6.99 13.63
CA ILE B 107 -19.76 8.03 14.66
C ILE B 107 -20.08 7.38 16.02
N ASP B 108 -21.09 6.53 16.04
CA ASP B 108 -21.59 5.97 17.30
C ASP B 108 -20.60 4.99 17.92
N THR B 109 -19.88 4.26 17.08
CA THR B 109 -18.88 3.29 17.55
C THR B 109 -17.73 3.98 18.31
N TYR B 110 -17.32 5.14 17.80
CA TYR B 110 -16.17 5.86 18.31
C TYR B 110 -16.51 7.09 19.15
N ASN B 111 -17.80 7.38 19.33
CA ASN B 111 -18.26 8.68 19.85
CA ASN B 111 -18.20 8.67 19.88
C ASN B 111 -17.51 9.80 19.13
N ALA B 112 -17.44 9.69 17.80
CA ALA B 112 -16.69 10.65 16.98
C ALA B 112 -17.33 12.04 17.00
N THR B 113 -16.48 13.06 16.97
CA THR B 113 -16.95 14.43 16.94
C THR B 113 -16.50 15.15 15.68
N TYR B 114 -15.76 14.43 14.82
CA TYR B 114 -15.18 15.04 13.62
C TYR B 114 -14.96 13.93 12.62
N LEU B 115 -15.48 14.10 11.41
CA LEU B 115 -15.23 13.15 10.33
C LEU B 115 -14.51 13.83 9.20
N ASP B 116 -13.69 13.07 8.48
CA ASP B 116 -12.89 13.58 7.37
C ASP B 116 -13.16 12.72 6.15
N PHE B 117 -13.57 13.36 5.06
CA PHE B 117 -13.84 12.64 3.81
C PHE B 117 -12.71 12.92 2.85
N ALA B 118 -11.82 11.93 2.71
CA ALA B 118 -10.63 12.07 1.87
C ALA B 118 -10.97 11.51 0.49
N ILE B 119 -11.50 12.39 -0.36
CA ILE B 119 -12.08 11.96 -1.62
CA ILE B 119 -12.09 11.96 -1.63
C ILE B 119 -11.08 12.20 -2.76
N GLU B 120 -10.47 11.11 -3.23
CA GLU B 120 -9.41 11.17 -4.24
C GLU B 120 -9.82 10.53 -5.55
N ALA B 121 -11.06 10.07 -5.61
CA ALA B 121 -11.61 9.41 -6.79
C ALA B 121 -12.95 10.07 -7.10
N GLY B 122 -13.46 9.83 -8.31
CA GLY B 122 -14.76 10.36 -8.70
C GLY B 122 -15.88 9.80 -7.84
N ILE B 123 -16.74 10.68 -7.36
CA ILE B 123 -17.93 10.26 -6.60
C ILE B 123 -19.17 11.00 -7.08
N ASP B 124 -20.32 10.54 -6.60
CA ASP B 124 -21.59 11.22 -6.79
C ASP B 124 -21.76 12.22 -5.64
N ALA B 125 -21.43 13.48 -5.88
CA ALA B 125 -21.44 14.48 -4.80
C ALA B 125 -22.85 14.74 -4.29
N ASP B 126 -23.83 14.71 -5.19
CA ASP B 126 -25.22 14.96 -4.81
C ASP B 126 -25.67 13.91 -3.80
N LYS B 127 -25.33 12.65 -4.05
CA LYS B 127 -25.65 11.54 -3.13
C LYS B 127 -24.93 11.68 -1.78
N LEU B 128 -23.64 12.05 -1.81
CA LEU B 128 -22.91 12.30 -0.57
C LEU B 128 -23.58 13.41 0.24
N ALA B 129 -23.94 14.49 -0.43
CA ALA B 129 -24.57 15.63 0.21
C ALA B 129 -25.89 15.19 0.89
N ASP B 130 -26.71 14.43 0.16
CA ASP B 130 -28.01 13.97 0.74
C ASP B 130 -27.79 13.11 1.97
N ALA B 131 -26.73 12.29 1.96
CA ALA B 131 -26.40 11.47 3.11
C ALA B 131 -25.94 12.35 4.27
N LEU B 132 -25.12 13.37 3.98
CA LEU B 132 -24.59 14.21 5.05
C LEU B 132 -25.66 15.13 5.65
N LEU B 133 -26.70 15.46 4.87
CA LEU B 133 -27.86 16.16 5.41
C LEU B 133 -28.53 15.33 6.52
N ILE B 134 -28.58 14.02 6.31
CA ILE B 134 -29.15 13.11 7.32
C ILE B 134 -28.22 13.05 8.54
N VAL B 135 -26.93 12.89 8.29
CA VAL B 135 -25.97 12.75 9.37
C VAL B 135 -25.96 13.98 10.26
N GLN B 136 -25.94 15.17 9.67
CA GLN B 136 -25.85 16.39 10.49
C GLN B 136 -27.16 16.63 11.26
N ARG B 137 -28.26 16.12 10.73
CA ARG B 137 -29.54 16.25 11.44
C ARG B 137 -29.55 15.36 12.68
N GLU B 138 -29.07 14.13 12.50
CA GLU B 138 -29.14 13.14 13.56
CA GLU B 138 -29.10 13.10 13.54
C GLU B 138 -28.02 13.28 14.58
N ARG B 139 -26.89 13.83 14.15
CA ARG B 139 -25.70 13.99 15.00
C ARG B 139 -25.16 15.41 14.81
N PRO B 140 -25.90 16.42 15.30
CA PRO B 140 -25.58 17.82 15.01
C PRO B 140 -24.30 18.38 15.65
N TRP B 141 -23.63 17.59 16.48
CA TRP B 141 -22.39 17.99 17.14
C TRP B 141 -21.13 17.53 16.37
N VAL B 142 -21.33 16.80 15.28
CA VAL B 142 -20.21 16.23 14.53
C VAL B 142 -19.77 17.16 13.39
N LYS B 143 -18.47 17.52 13.37
CA LYS B 143 -17.96 18.39 12.32
C LYS B 143 -17.54 17.60 11.11
N PHE B 144 -17.62 18.23 9.92
CA PHE B 144 -17.25 17.58 8.66
C PHE B 144 -16.05 18.25 8.01
N SER B 145 -15.06 17.44 7.65
CA SER B 145 -13.87 17.89 6.95
C SER B 145 -13.82 17.21 5.58
N PHE B 146 -13.31 17.93 4.59
CA PHE B 146 -13.15 17.37 3.24
C PHE B 146 -11.70 17.54 2.82
N THR B 147 -11.07 16.40 2.54
CA THR B 147 -9.64 16.37 2.21
C THR B 147 -9.51 15.95 0.77
N LEU B 148 -8.86 16.79 -0.04
CA LEU B 148 -9.04 16.75 -1.50
C LEU B 148 -7.75 17.04 -2.27
N PRO B 149 -7.54 16.36 -3.40
CA PRO B 149 -6.35 16.68 -4.21
C PRO B 149 -6.29 18.16 -4.59
N SER B 150 -5.08 18.67 -4.74
CA SER B 150 -4.89 20.08 -5.03
C SER B 150 -3.71 20.29 -5.96
N ASP B 151 -3.58 21.52 -6.46
CA ASP B 151 -2.50 21.86 -7.39
C ASP B 151 -2.27 23.37 -7.27
N PRO B 152 -1.00 23.83 -7.24
CA PRO B 152 -0.73 25.27 -7.02
C PRO B 152 -1.19 26.22 -8.14
N GLY B 153 -1.60 25.68 -9.29
CA GLY B 153 -2.17 26.51 -10.36
C GLY B 153 -3.68 26.68 -10.26
N ILE B 154 -4.32 25.85 -9.45
CA ILE B 154 -5.77 25.79 -9.45
C ILE B 154 -6.47 25.80 -8.08
N GLY B 155 -5.76 25.39 -7.02
CA GLY B 155 -6.42 25.14 -5.73
C GLY B 155 -6.95 23.71 -5.72
N LEU B 156 -8.19 23.50 -5.27
CA LEU B 156 -8.84 22.21 -5.41
C LEU B 156 -9.07 21.89 -6.89
N ALA B 157 -8.87 20.63 -7.24
CA ALA B 157 -9.18 20.19 -8.59
C ALA B 157 -10.67 19.80 -8.72
N GLY B 158 -10.92 18.54 -9.06
CA GLY B 158 -12.27 18.05 -9.28
C GLY B 158 -13.08 18.06 -7.99
N GLY B 159 -12.39 18.07 -6.86
CA GLY B 159 -13.07 18.11 -5.57
C GLY B 159 -13.77 19.43 -5.29
N TYR B 160 -13.45 20.48 -6.04
CA TYR B 160 -14.10 21.76 -5.80
C TYR B 160 -15.62 21.61 -5.94
N GLY B 161 -16.06 20.78 -6.89
CA GLY B 161 -17.51 20.58 -7.12
C GLY B 161 -18.18 19.92 -5.92
N ILE B 162 -17.42 19.14 -5.16
CA ILE B 162 -17.97 18.55 -3.93
C ILE B 162 -18.30 19.63 -2.92
N ILE B 163 -17.39 20.58 -2.71
CA ILE B 163 -17.64 21.66 -1.76
C ILE B 163 -18.79 22.55 -2.26
N GLU B 164 -18.79 22.85 -3.57
CA GLU B 164 -19.92 23.61 -4.16
C GLU B 164 -21.26 22.93 -3.86
N THR B 165 -21.30 21.61 -4.02
CA THR B 165 -22.51 20.82 -3.76
C THR B 165 -22.93 20.85 -2.28
N MET B 166 -21.97 20.63 -1.38
CA MET B 166 -22.27 20.74 0.06
C MET B 166 -22.91 22.10 0.39
N ALA B 167 -22.31 23.18 -0.10
CA ALA B 167 -22.78 24.54 0.22
C ALA B 167 -24.19 24.77 -0.33
N LYS B 168 -24.40 24.39 -1.59
CA LYS B 168 -25.69 24.58 -2.25
C LYS B 168 -26.79 23.82 -1.49
N LYS B 169 -26.45 22.63 -1.01
CA LYS B 169 -27.44 21.73 -0.39
C LYS B 169 -27.64 21.98 1.11
N GLY B 170 -26.78 22.82 1.68
CA GLY B 170 -26.87 23.21 3.10
C GLY B 170 -26.18 22.23 4.05
N VAL B 171 -25.20 21.49 3.53
CA VAL B 171 -24.38 20.61 4.38
C VAL B 171 -23.28 21.46 5.03
N ARG B 172 -23.06 21.27 6.34
CA ARG B 172 -22.00 21.99 7.04
C ARG B 172 -20.62 21.66 6.43
N VAL B 173 -19.79 22.69 6.30
CA VAL B 173 -18.41 22.46 5.82
C VAL B 173 -17.48 23.12 6.85
N ASP B 174 -16.99 22.31 7.77
CA ASP B 174 -16.17 22.84 8.87
C ASP B 174 -14.72 23.03 8.46
N ARG B 175 -14.28 22.22 7.51
CA ARG B 175 -12.86 22.19 7.15
C ARG B 175 -12.70 21.73 5.72
N VAL B 176 -11.87 22.46 4.99
CA VAL B 176 -11.50 22.12 3.62
C VAL B 176 -10.00 22.02 3.65
N ASN B 177 -9.50 20.80 3.38
CA ASN B 177 -8.13 20.43 3.69
C ASN B 177 -7.41 19.91 2.42
N PRO B 178 -6.94 20.82 1.55
CA PRO B 178 -6.21 20.37 0.38
C PRO B 178 -4.99 19.52 0.71
N MET B 179 -4.81 18.47 -0.08
CA MET B 179 -3.61 17.64 -0.03
C MET B 179 -2.55 18.33 -0.88
N THR B 180 -1.60 18.98 -0.20
CA THR B 180 -0.62 19.84 -0.86
C THR B 180 0.60 18.99 -1.21
N MET B 181 0.43 18.13 -2.22
CA MET B 181 1.37 17.06 -2.52
C MET B 181 1.18 16.55 -3.95
N ASP B 182 2.24 15.97 -4.52
CA ASP B 182 2.12 15.17 -5.74
C ASP B 182 1.57 15.95 -6.96
N TYR B 183 2.19 17.08 -7.26
CA TYR B 183 1.74 17.91 -8.40
C TYR B 183 2.37 17.45 -9.71
N TYR B 184 3.49 16.75 -9.62
CA TYR B 184 4.26 16.24 -10.79
C TYR B 184 4.99 17.31 -11.60
N TRP B 185 4.30 18.40 -11.95
CA TRP B 185 4.95 19.40 -12.80
C TRP B 185 5.76 20.45 -12.04
N THR B 186 5.59 20.48 -10.71
CA THR B 186 6.25 21.44 -9.85
C THR B 186 6.39 20.78 -8.46
N PRO B 187 7.46 21.12 -7.70
CA PRO B 187 7.73 20.35 -6.46
C PRO B 187 6.77 20.58 -5.29
N SER B 188 6.65 19.55 -4.46
CA SER B 188 5.86 19.64 -3.24
C SER B 188 6.66 20.35 -2.15
N ASN B 189 6.61 21.69 -2.15
CA ASN B 189 7.35 22.49 -1.19
C ASN B 189 6.43 23.48 -0.46
N ALA B 190 6.99 24.33 0.40
CA ALA B 190 6.16 25.29 1.14
C ALA B 190 5.55 26.36 0.22
N GLU B 191 6.34 26.85 -0.73
CA GLU B 191 5.86 27.90 -1.64
C GLU B 191 4.61 27.42 -2.38
N ASN B 192 4.66 26.19 -2.89
CA ASN B 192 3.50 25.65 -3.62
C ASN B 192 2.32 25.30 -2.72
N ALA B 193 2.59 24.82 -1.50
CA ALA B 193 1.51 24.62 -0.51
C ALA B 193 0.79 25.95 -0.21
N ILE B 194 1.56 27.04 -0.11
CA ILE B 194 0.99 28.37 0.12
C ILE B 194 0.17 28.85 -1.08
N LYS B 195 0.68 28.63 -2.30
CA LYS B 195 -0.09 28.96 -3.51
C LYS B 195 -1.43 28.18 -3.51
N VAL B 196 -1.40 26.88 -3.16
CA VAL B 196 -2.64 26.10 -3.04
C VAL B 196 -3.59 26.76 -2.04
N ALA B 197 -3.07 27.09 -0.85
CA ALA B 197 -3.88 27.72 0.20
C ALA B 197 -4.55 28.99 -0.31
N GLU B 198 -3.79 29.82 -1.03
CA GLU B 198 -4.32 31.07 -1.59
C GLU B 198 -5.43 30.81 -2.60
N ASN B 199 -5.25 29.78 -3.43
CA ASN B 199 -6.24 29.46 -4.45
C ASN B 199 -7.51 28.88 -3.84
N VAL B 200 -7.33 28.05 -2.80
CA VAL B 200 -8.48 27.50 -2.08
C VAL B 200 -9.24 28.63 -1.36
N PHE B 201 -8.50 29.60 -0.81
CA PHE B 201 -9.11 30.79 -0.21
C PHE B 201 -10.08 31.47 -1.20
N ARG B 202 -9.58 31.74 -2.40
CA ARG B 202 -10.43 32.30 -3.47
C ARG B 202 -11.63 31.39 -3.83
N GLN B 203 -11.38 30.10 -3.95
CA GLN B 203 -12.44 29.12 -4.21
C GLN B 203 -13.53 29.16 -3.16
N LEU B 204 -13.14 29.25 -1.89
CA LEU B 204 -14.13 29.29 -0.80
C LEU B 204 -14.85 30.63 -0.71
N LYS B 205 -14.13 31.72 -0.97
CA LYS B 205 -14.75 33.06 -1.09
C LYS B 205 -15.80 33.10 -2.20
N GLN B 206 -15.56 32.36 -3.28
CA GLN B 206 -16.52 32.33 -4.39
C GLN B 206 -17.80 31.57 -4.03
N ILE B 207 -17.68 30.56 -3.17
CA ILE B 207 -18.84 29.85 -2.67
C ILE B 207 -19.56 30.65 -1.57
N TYR B 208 -18.76 31.22 -0.65
CA TYR B 208 -19.26 31.88 0.55
C TYR B 208 -18.79 33.34 0.61
N PRO B 209 -19.32 34.19 -0.30
CA PRO B 209 -18.81 35.56 -0.36
C PRO B 209 -19.11 36.39 0.89
N GLU B 210 -20.07 35.93 1.68
CA GLU B 210 -20.47 36.61 2.91
C GLU B 210 -19.49 36.39 4.08
N LYS B 211 -18.60 35.40 3.97
CA LYS B 211 -17.64 35.11 5.04
C LYS B 211 -16.46 36.05 4.99
N SER B 212 -15.97 36.45 6.17
CA SER B 212 -14.78 37.30 6.27
C SER B 212 -13.53 36.51 5.87
N ASP B 213 -12.43 37.23 5.61
CA ASP B 213 -11.15 36.62 5.28
C ASP B 213 -10.75 35.67 6.41
N GLU B 214 -10.98 36.10 7.65
CA GLU B 214 -10.60 35.32 8.83
C GLU B 214 -11.39 34.02 8.92
N GLU B 215 -12.69 34.08 8.62
CA GLU B 215 -13.54 32.90 8.59
C GLU B 215 -13.13 31.92 7.50
N ILE B 216 -12.76 32.45 6.33
CA ILE B 216 -12.30 31.58 5.23
C ILE B 216 -10.99 30.88 5.63
N TRP B 217 -10.03 31.64 6.18
CA TRP B 217 -8.77 31.00 6.62
C TRP B 217 -9.03 29.94 7.68
N LYS B 218 -9.97 30.23 8.59
CA LYS B 218 -10.33 29.27 9.65
C LYS B 218 -10.85 27.94 9.08
N MET B 219 -11.57 28.01 7.96
CA MET B 219 -12.10 26.83 7.30
C MET B 219 -11.00 25.98 6.65
N ILE B 220 -9.84 26.59 6.39
CA ILE B 220 -8.80 25.93 5.59
C ILE B 220 -7.85 25.12 6.47
N GLY B 221 -7.49 23.93 5.99
CA GLY B 221 -6.40 23.14 6.57
C GLY B 221 -5.45 22.82 5.44
N LEU B 222 -4.19 22.50 5.76
CA LEU B 222 -3.26 22.08 4.70
C LEU B 222 -2.63 20.76 5.10
N THR B 223 -2.50 19.83 4.14
CA THR B 223 -1.92 18.52 4.41
C THR B 223 -0.83 18.14 3.40
N PRO B 224 0.43 18.40 3.74
CA PRO B 224 1.53 17.89 2.88
C PRO B 224 1.83 16.41 3.10
N MET B 225 2.61 15.84 2.18
CA MET B 225 3.19 14.52 2.35
C MET B 225 4.63 14.79 2.75
N ILE B 226 5.01 14.32 3.94
CA ILE B 226 6.32 14.71 4.47
C ILE B 226 7.46 14.01 3.72
N GLY B 227 8.58 14.69 3.61
CA GLY B 227 9.76 14.10 2.92
C GLY B 227 9.44 13.78 1.47
N VAL B 228 9.91 12.62 0.99
CA VAL B 228 9.71 12.29 -0.43
CA VAL B 228 9.72 12.24 -0.42
C VAL B 228 8.24 12.06 -0.75
N ASN B 229 7.80 12.71 -1.82
CA ASN B 229 6.43 12.52 -2.31
C ASN B 229 6.41 11.48 -3.42
N ASP B 230 5.22 11.07 -3.83
CA ASP B 230 5.09 10.02 -4.85
C ASP B 230 5.72 10.42 -6.17
N ASP B 231 5.72 11.72 -6.47
CA ASP B 231 6.39 12.25 -7.67
C ASP B 231 7.90 12.47 -7.50
N LYS B 232 8.43 12.07 -6.35
CA LYS B 232 9.85 12.14 -6.03
C LYS B 232 10.39 13.53 -5.70
N SER B 233 9.54 14.56 -5.71
CA SER B 233 9.91 15.83 -5.10
C SER B 233 9.94 15.63 -3.57
N VAL B 234 10.55 16.56 -2.85
CA VAL B 234 10.69 16.42 -1.41
C VAL B 234 10.13 17.62 -0.65
N PHE B 235 9.21 17.35 0.28
CA PHE B 235 8.73 18.36 1.22
C PHE B 235 9.65 18.28 2.43
N THR B 236 10.58 19.22 2.51
CA THR B 236 11.70 19.14 3.48
C THR B 236 11.31 19.69 4.86
N LEU B 237 12.19 19.50 5.83
CA LEU B 237 11.94 20.02 7.16
C LEU B 237 11.91 21.55 7.14
N GLU B 238 12.71 22.16 6.27
CA GLU B 238 12.67 23.60 6.07
C GLU B 238 11.31 24.06 5.49
N ASP B 239 10.79 23.31 4.52
CA ASP B 239 9.41 23.53 4.02
C ASP B 239 8.38 23.45 5.16
N ALA B 240 8.53 22.45 6.03
CA ALA B 240 7.63 22.30 7.17
C ALA B 240 7.66 23.55 8.05
N GLN B 241 8.86 24.04 8.37
CA GLN B 241 8.98 25.20 9.24
C GLN B 241 8.38 26.44 8.57
N GLN B 242 8.66 26.61 7.28
CA GLN B 242 8.12 27.76 6.54
C GLN B 242 6.59 27.71 6.52
N LEU B 243 6.02 26.52 6.29
CA LEU B 243 4.56 26.37 6.20
C LEU B 243 3.89 26.61 7.53
N VAL B 244 4.49 26.07 8.60
CA VAL B 244 3.99 26.35 9.96
C VAL B 244 3.98 27.85 10.27
N ASP B 245 5.09 28.55 10.00
CA ASP B 245 5.12 30.00 10.24
C ASP B 245 4.05 30.75 9.45
N TRP B 246 3.87 30.38 8.18
CA TRP B 246 2.82 30.96 7.34
C TRP B 246 1.43 30.66 7.92
N ALA B 247 1.22 29.42 8.38
CA ALA B 247 -0.06 28.99 8.92
C ALA B 247 -0.44 29.72 10.21
N ILE B 248 0.55 29.93 11.08
CA ILE B 248 0.36 30.71 12.32
C ILE B 248 -0.02 32.14 11.95
N GLN B 249 0.71 32.72 11.01
CA GLN B 249 0.51 34.12 10.61
C GLN B 249 -0.90 34.33 10.02
N HIS B 250 -1.38 33.36 9.26
CA HIS B 250 -2.70 33.46 8.63
C HIS B 250 -3.86 32.92 9.47
N LYS B 251 -3.52 32.36 10.63
CA LYS B 251 -4.50 31.81 11.56
C LYS B 251 -5.45 30.83 10.88
N ILE B 252 -4.88 29.95 10.06
CA ILE B 252 -5.71 28.92 9.42
C ILE B 252 -6.20 27.92 10.47
N GLY B 253 -7.21 27.12 10.11
CA GLY B 253 -7.85 26.22 11.05
C GLY B 253 -7.00 25.02 11.48
N SER B 254 -6.21 24.48 10.56
CA SER B 254 -5.52 23.23 10.89
C SER B 254 -4.37 22.88 9.97
N LEU B 255 -3.54 21.96 10.46
CA LEU B 255 -2.51 21.31 9.66
C LEU B 255 -2.60 19.82 9.92
N ALA B 256 -2.18 19.05 8.92
CA ALA B 256 -2.02 17.60 9.10
C ALA B 256 -0.92 17.19 8.12
N PHE B 257 -0.52 15.93 8.16
CA PHE B 257 0.39 15.44 7.12
C PHE B 257 0.23 13.95 6.91
N TRP B 258 0.71 13.50 5.75
CA TRP B 258 0.79 12.07 5.45
C TRP B 258 2.26 11.67 5.61
N SER B 259 2.63 10.91 6.66
CA SER B 259 1.76 10.35 7.68
C SER B 259 2.63 10.15 8.92
N VAL B 260 2.01 9.79 10.03
CA VAL B 260 2.74 9.60 11.29
C VAL B 260 3.84 8.53 11.17
N ASP B 261 3.48 7.39 10.60
CA ASP B 261 4.45 6.28 10.50
C ASP B 261 5.55 6.50 9.49
N ARG B 262 5.42 7.53 8.63
CA ARG B 262 6.50 7.94 7.75
C ARG B 262 7.49 8.93 8.39
N ASP B 263 7.24 9.34 9.64
CA ASP B 263 8.09 10.37 10.25
C ASP B 263 9.39 9.80 10.85
N HIS B 264 10.18 9.15 9.98
CA HIS B 264 11.42 8.49 10.37
C HIS B 264 12.36 8.70 9.22
N PRO B 265 13.66 8.81 9.51
CA PRO B 265 14.60 8.90 8.41
C PRO B 265 14.64 7.57 7.63
N GLY B 266 15.01 7.65 6.36
CA GLY B 266 15.16 6.42 5.56
C GLY B 266 16.07 6.69 4.39
N PRO B 267 16.38 5.62 3.62
CA PRO B 267 17.20 5.76 2.42
C PRO B 267 16.67 6.87 1.52
N THR B 268 17.57 7.79 1.15
CA THR B 268 17.21 9.01 0.42
C THR B 268 16.40 8.72 -0.85
N GLY B 269 15.26 9.41 -0.97
CA GLY B 269 14.45 9.32 -2.19
C GLY B 269 13.57 8.10 -2.34
N GLU B 270 13.52 7.23 -1.34
CA GLU B 270 12.68 6.04 -1.41
C GLU B 270 11.30 6.28 -0.79
N VAL B 271 10.26 5.88 -1.52
CA VAL B 271 8.87 6.06 -1.08
C VAL B 271 8.41 4.81 -0.30
N SER B 272 7.91 5.03 0.90
CA SER B 272 7.56 3.95 1.81
C SER B 272 6.48 4.45 2.77
N PRO B 273 5.61 3.55 3.27
CA PRO B 273 4.70 3.92 4.36
C PRO B 273 5.35 3.95 5.76
N LEU B 274 6.64 3.59 5.85
CA LEU B 274 7.31 3.38 7.14
C LEU B 274 8.44 4.38 7.43
N HIS B 275 8.74 5.23 6.46
CA HIS B 275 9.76 6.27 6.60
C HIS B 275 9.55 7.30 5.49
N ARG B 276 10.26 8.42 5.53
CA ARG B 276 9.98 9.51 4.59
C ARG B 276 11.12 9.80 3.61
N GLY B 277 12.13 8.93 3.57
CA GLY B 277 13.21 9.08 2.59
C GLY B 277 14.02 10.36 2.69
N THR B 278 14.12 10.91 3.90
CA THR B 278 15.01 12.04 4.19
C THR B 278 15.83 11.68 5.44
N ASN B 279 16.78 12.55 5.78
CA ASN B 279 17.71 12.28 6.88
C ASN B 279 17.29 12.80 8.25
N ASP B 280 16.12 13.45 8.32
CA ASP B 280 15.72 14.07 9.59
C ASP B 280 15.42 13.02 10.64
N PRO B 281 15.76 13.29 11.91
CA PRO B 281 15.58 12.26 12.94
C PRO B 281 14.12 11.92 13.22
N ASP B 282 13.90 10.81 13.92
CA ASP B 282 12.55 10.35 14.25
C ASP B 282 11.70 11.49 14.80
N TRP B 283 10.48 11.61 14.25
CA TRP B 283 9.47 12.56 14.74
C TRP B 283 9.80 14.03 14.49
N ALA B 284 10.79 14.31 13.63
CA ALA B 284 11.21 15.72 13.40
C ALA B 284 10.09 16.57 12.82
N PHE B 285 9.34 16.01 11.85
CA PHE B 285 8.29 16.77 11.23
C PHE B 285 7.16 17.00 12.22
N SER B 286 6.82 15.97 13.00
CA SER B 286 5.76 16.10 14.00
C SER B 286 6.07 17.26 14.94
N HIS B 287 7.32 17.32 15.39
CA HIS B 287 7.74 18.35 16.34
C HIS B 287 7.65 19.76 15.78
N VAL B 288 7.92 19.93 14.49
CA VAL B 288 7.77 21.21 13.82
C VAL B 288 6.28 21.58 13.69
N PHE B 289 5.45 20.65 13.22
CA PHE B 289 4.03 20.94 13.02
C PHE B 289 3.32 21.26 14.33
N VAL B 290 3.73 20.63 15.43
CA VAL B 290 3.09 20.87 16.74
C VAL B 290 3.15 22.35 17.12
N LYS B 291 4.20 23.03 16.65
CA LYS B 291 4.40 24.44 16.95
C LYS B 291 3.22 25.30 16.49
N PHE B 292 2.55 24.87 15.41
CA PHE B 292 1.37 25.58 14.92
C PHE B 292 0.27 25.59 15.99
N MET B 293 0.03 24.43 16.57
CA MET B 293 -0.99 24.30 17.61
C MET B 293 -0.59 25.02 18.90
N GLU B 294 0.70 24.94 19.25
CA GLU B 294 1.22 25.62 20.45
C GLU B 294 1.00 27.12 20.38
N ALA B 295 1.10 27.69 19.19
CA ALA B 295 0.89 29.12 19.02
C ALA B 295 -0.48 29.57 19.53
N PHE B 296 -1.46 28.67 19.51
CA PHE B 296 -2.84 29.01 19.85
C PHE B 296 -3.36 28.34 21.13
N GLY B 297 -2.42 28.02 22.01
CA GLY B 297 -2.74 27.71 23.42
C GLY B 297 -2.39 26.30 23.84
N TYR B 298 -2.06 25.44 22.88
CA TYR B 298 -1.84 24.03 23.19
C TYR B 298 -0.56 23.82 23.98
N THR B 299 -0.64 22.93 24.97
N THR B 299 -0.62 22.95 24.99
CA THR B 299 0.54 22.49 25.73
CA THR B 299 0.59 22.66 25.74
C THR B 299 0.38 21.00 26.04
C THR B 299 0.71 21.22 26.19
N PHE B 300 1.47 20.26 25.98
CA PHE B 300 1.42 18.83 26.26
C PHE B 300 2.61 18.28 27.08
MG MG C . 9.12 -14.01 5.64
C1 GOL D . 2.26 -1.30 -6.25
O1 GOL D . 1.85 -2.60 -5.85
C2 GOL D . 2.33 -1.14 -7.77
O2 GOL D . 2.53 0.22 -8.08
C3 GOL D . 3.54 -1.86 -8.33
O3 GOL D . 4.69 -1.50 -7.62
C1 GOL E . 6.61 -4.47 -5.82
O1 GOL E . 7.46 -4.41 -6.94
C2 GOL E . 6.55 -5.89 -5.25
O2 GOL E . 7.67 -6.62 -5.69
C3 GOL E . 6.59 -5.83 -3.73
O3 GOL E . 5.40 -5.34 -3.16
C1 GOL F . 19.63 -33.71 -9.46
O1 GOL F . 18.23 -33.81 -9.38
C2 GOL F . 20.08 -32.25 -9.35
O2 GOL F . 19.95 -31.85 -8.00
C3 GOL F . 19.24 -31.33 -10.23
O3 GOL F . 19.76 -30.01 -10.13
MG MG G . -16.98 7.48 1.98
C1 GOL H . -2.92 7.32 0.88
O1 GOL H . -4.24 6.81 0.84
C2 GOL H . -2.87 8.85 0.82
O2 GOL H . -4.15 9.43 0.88
C3 GOL H . -2.18 9.26 -0.48
O3 GOL H . -1.00 9.99 -0.15
S SO4 I . -27.85 12.16 -9.00
O1 SO4 I . -27.64 11.04 -9.93
O2 SO4 I . -28.53 13.28 -9.74
O3 SO4 I . -28.68 11.84 -7.85
O4 SO4 I . -26.49 12.67 -8.55
#